data_6EEB
#
_entry.id   6EEB
#
_cell.length_a   49.113
_cell.length_b   56.880
_cell.length_c   116.781
_cell.angle_alpha   90.000
_cell.angle_beta   90.000
_cell.angle_gamma   90.000
#
_symmetry.space_group_name_H-M   'C 2 2 21'
#
loop_
_entity.id
_entity.type
_entity.pdbx_description
1 polymer Calmodulin-1
2 non-polymer (5aS,12aS,13aS)-8,9-dichloro-12,12-dimethyl-2,3,11,12,12a,13-hexahydro-1H,5H,6H-5a,13a-(epiminomethano)indolizino[7,6-b]carbazol-14-one
3 non-polymer 'CALCIUM ION'
4 non-polymer 'ZINC ION'
5 water water
#
_entity_poly.entity_id   1
_entity_poly.type   'polypeptide(L)'
_entity_poly.pdbx_seq_one_letter_code
;SNAMADQLTEEQIAEFKEAFSLFDKDGDGTITTKELGTVMRSLGQNPTEAELQDMINEVDADGNGTIDFPEFLTMMARKM
KDTDSEEEIREAFRVFDKDGNGYISAAELRHVMTNLGEKLTDEEVDEMIREADIDGDGQVNYEEFVQMMTAK
;
_entity_poly.pdbx_strand_id   A
#
loop_
_chem_comp.id
_chem_comp.type
_chem_comp.name
_chem_comp.formula
CA non-polymer 'CALCIUM ION' 'Ca 2'
J6P non-polymer (5aS,12aS,13aS)-8,9-dichloro-12,12-dimethyl-2,3,11,12,12a,13-hexahydro-1H,5H,6H-5a,13a-(epiminomethano)indolizino[7,6-b]carbazol-14-one 'C21 H23 Cl2 N3 O'
ZN non-polymer 'ZINC ION' 'Zn 2'
#
# COMPACT_ATOMS: atom_id res chain seq x y z
N THR A 9 -16.51 2.77 -4.18
CA THR A 9 -17.79 3.14 -3.58
C THR A 9 -17.58 3.43 -2.11
N GLU A 10 -18.47 4.24 -1.50
CA GLU A 10 -18.32 4.51 -0.09
C GLU A 10 -19.06 3.49 0.76
N GLU A 11 -20.23 3.02 0.28
CA GLU A 11 -20.92 1.98 1.05
C GLU A 11 -20.37 0.59 0.79
N GLN A 12 -19.63 0.37 -0.30
CA GLN A 12 -18.85 -0.85 -0.41
C GLN A 12 -17.82 -0.93 0.72
N ILE A 13 -17.25 0.21 1.09
CA ILE A 13 -16.35 0.25 2.24
C ILE A 13 -17.10 -0.02 3.53
N ALA A 14 -18.26 0.62 3.70
CA ALA A 14 -19.02 0.45 4.94
C ALA A 14 -19.47 -1.00 5.12
N GLU A 15 -19.88 -1.66 4.03
CA GLU A 15 -20.07 -3.11 4.06
C GLU A 15 -18.83 -3.81 4.59
N PHE A 16 -17.66 -3.38 4.11
CA PHE A 16 -16.42 -4.08 4.41
C PHE A 16 -16.00 -3.90 5.87
N LYS A 17 -16.26 -2.72 6.45
CA LYS A 17 -15.98 -2.59 7.87
C LYS A 17 -16.98 -3.38 8.71
N GLU A 18 -18.20 -3.56 8.20
CA GLU A 18 -19.15 -4.45 8.87
C GLU A 18 -18.62 -5.89 8.87
N ALA A 19 -18.17 -6.35 7.71
CA ALA A 19 -17.59 -7.69 7.61
C ALA A 19 -16.40 -7.83 8.56
N PHE A 20 -15.47 -6.88 8.51
CA PHE A 20 -14.29 -6.93 9.37
C PHE A 20 -14.67 -7.09 10.84
N SER A 21 -15.64 -6.31 11.31
CA SER A 21 -16.03 -6.37 12.72
C SER A 21 -16.58 -7.75 13.08
N LEU A 22 -17.38 -8.34 12.19
CA LEU A 22 -17.87 -9.68 12.42
C LEU A 22 -16.73 -10.67 12.57
N PHE A 23 -15.77 -10.63 11.64
CA PHE A 23 -14.66 -11.57 11.68
C PHE A 23 -13.78 -11.34 12.90
N ASP A 24 -13.59 -10.08 13.27
CA ASP A 24 -12.78 -9.73 14.43
C ASP A 24 -13.65 -9.94 15.66
N LYS A 25 -13.72 -11.20 16.07
CA LYS A 25 -14.60 -11.64 17.15
C LYS A 25 -14.40 -10.81 18.42
N ASP A 26 -13.15 -10.64 18.83
CA ASP A 26 -12.83 -10.04 20.11
C ASP A 26 -12.65 -8.53 20.02
N GLY A 27 -12.86 -7.95 18.85
CA GLY A 27 -12.88 -6.51 18.72
C GLY A 27 -11.55 -5.81 18.88
N ASP A 28 -10.42 -6.53 18.85
CA ASP A 28 -9.15 -5.85 19.09
C ASP A 28 -8.58 -5.19 17.84
N GLY A 29 -9.38 -5.10 16.77
CA GLY A 29 -8.94 -4.46 15.53
C GLY A 29 -8.07 -5.30 14.63
N THR A 30 -7.82 -6.57 14.97
CA THR A 30 -6.98 -7.47 14.17
C THR A 30 -7.70 -8.79 13.95
N ILE A 31 -7.43 -9.43 12.81
CA ILE A 31 -7.96 -10.76 12.52
C ILE A 31 -6.81 -11.75 12.59
N THR A 32 -6.95 -12.75 13.46
CA THR A 32 -5.99 -13.84 13.63
C THR A 32 -6.33 -15.01 12.72
N THR A 33 -5.41 -15.98 12.62
CA THR A 33 -5.72 -17.24 11.95
C THR A 33 -6.93 -17.91 12.56
N LYS A 34 -7.03 -17.87 13.88
CA LYS A 34 -8.13 -18.56 14.55
C LYS A 34 -9.46 -17.90 14.18
N GLU A 35 -9.52 -16.56 14.20
CA GLU A 35 -10.74 -15.86 13.83
C GLU A 35 -11.06 -16.12 12.37
N LEU A 36 -10.03 -16.12 11.52
CA LEU A 36 -10.23 -16.40 10.10
C LEU A 36 -10.74 -17.82 9.91
N GLY A 37 -10.15 -18.78 10.61
CA GLY A 37 -10.58 -20.17 10.47
C GLY A 37 -12.02 -20.39 10.89
N THR A 38 -12.44 -19.74 11.97
CA THR A 38 -13.84 -19.81 12.39
C THR A 38 -14.78 -19.42 11.26
N VAL A 39 -14.46 -18.32 10.57
CA VAL A 39 -15.29 -17.86 9.47
C VAL A 39 -15.25 -18.83 8.31
N MET A 40 -14.04 -19.23 7.90
CA MET A 40 -13.92 -20.20 6.81
C MET A 40 -14.73 -21.45 7.13
N ARG A 41 -14.56 -21.99 8.34
CA ARG A 41 -15.25 -23.22 8.70
C ARG A 41 -16.76 -23.05 8.76
N SER A 42 -17.26 -21.86 9.12
CA SER A 42 -18.68 -21.60 9.06
C SER A 42 -19.24 -21.56 7.63
N LEU A 43 -18.40 -21.45 6.62
CA LEU A 43 -18.86 -21.43 5.22
C LEU A 43 -18.56 -22.75 4.49
N GLY A 44 -18.41 -23.85 5.21
CA GLY A 44 -18.25 -25.14 4.58
C GLY A 44 -16.85 -25.44 4.07
N GLN A 45 -15.85 -24.72 4.54
CA GLN A 45 -14.47 -24.95 4.16
C GLN A 45 -13.72 -25.61 5.30
N ASN A 46 -12.64 -26.30 4.96
CA ASN A 46 -11.76 -26.96 5.93
C ASN A 46 -10.30 -26.60 5.65
N PRO A 47 -9.95 -25.32 5.73
CA PRO A 47 -8.56 -24.95 5.43
C PRO A 47 -7.62 -25.41 6.54
N THR A 48 -6.41 -25.80 6.15
CA THR A 48 -5.43 -26.15 7.17
C THR A 48 -4.93 -24.88 7.85
N GLU A 49 -4.20 -25.05 8.96
CA GLU A 49 -3.58 -23.89 9.58
C GLU A 49 -2.56 -23.22 8.63
N ALA A 50 -1.77 -24.04 7.90
CA ALA A 50 -0.86 -23.47 6.91
C ALA A 50 -1.59 -22.62 5.88
N GLU A 51 -2.76 -23.08 5.44
CA GLU A 51 -3.52 -22.34 4.44
C GLU A 51 -4.07 -21.03 5.02
N LEU A 52 -4.46 -21.03 6.29
CA LEU A 52 -4.94 -19.81 6.95
C LEU A 52 -3.80 -18.81 7.10
N GLN A 53 -2.61 -19.28 7.52
CA GLN A 53 -1.46 -18.40 7.61
C GLN A 53 -1.13 -17.80 6.25
N ASP A 54 -1.30 -18.59 5.20
CA ASP A 54 -1.04 -18.17 3.81
C ASP A 54 -2.00 -17.06 3.40
N MET A 55 -3.27 -17.23 3.68
CA MET A 55 -4.24 -16.17 3.40
C MET A 55 -3.82 -14.87 4.06
N ILE A 56 -3.35 -14.95 5.30
CA ILE A 56 -2.97 -13.75 6.02
C ILE A 56 -1.67 -13.16 5.43
N ASN A 57 -0.69 -14.01 5.19
N ASN A 57 -0.69 -14.01 5.17
CA ASN A 57 0.57 -13.51 4.65
CA ASN A 57 0.59 -13.51 4.65
C ASN A 57 0.38 -12.83 3.31
C ASN A 57 0.40 -12.85 3.28
N GLU A 58 -0.58 -13.29 2.50
CA GLU A 58 -0.82 -12.71 1.18
C GLU A 58 -1.21 -11.23 1.25
N VAL A 59 -1.77 -10.75 2.36
CA VAL A 59 -2.14 -9.35 2.50
C VAL A 59 -1.44 -8.68 3.66
N ASP A 60 -0.48 -9.37 4.30
CA ASP A 60 0.05 -8.93 5.58
C ASP A 60 1.19 -7.93 5.35
N ALA A 61 0.79 -6.69 5.01
CA ALA A 61 1.80 -5.73 4.55
C ALA A 61 2.81 -5.41 5.66
N ASP A 62 2.38 -5.38 6.92
CA ASP A 62 3.32 -5.02 7.99
C ASP A 62 4.04 -6.22 8.57
N GLY A 63 3.65 -7.44 8.19
CA GLY A 63 4.35 -8.64 8.59
C GLY A 63 4.14 -9.08 10.01
N ASN A 64 3.02 -8.72 10.66
CA ASN A 64 2.81 -9.06 12.06
C ASN A 64 1.90 -10.27 12.27
N GLY A 65 1.55 -10.98 11.18
CA GLY A 65 0.78 -12.21 11.30
C GLY A 65 -0.72 -12.05 11.43
N THR A 66 -1.23 -10.82 11.56
CA THR A 66 -2.67 -10.61 11.67
C THR A 66 -3.11 -9.62 10.61
N ILE A 67 -4.42 -9.60 10.33
CA ILE A 67 -5.00 -8.69 9.35
C ILE A 67 -5.61 -7.51 10.09
N ASP A 68 -5.18 -6.30 9.75
CA ASP A 68 -5.89 -5.12 10.21
C ASP A 68 -6.82 -4.64 9.09
N PHE A 69 -7.56 -3.56 9.36
CA PHE A 69 -8.57 -3.17 8.40
C PHE A 69 -7.99 -2.76 7.05
N PRO A 70 -6.86 -2.03 7.00
CA PRO A 70 -6.30 -1.69 5.68
C PRO A 70 -5.86 -2.92 4.89
N GLU A 71 -5.23 -3.90 5.55
CA GLU A 71 -4.86 -5.13 4.87
C GLU A 71 -6.09 -5.96 4.49
N PHE A 72 -7.18 -5.80 5.26
CA PHE A 72 -8.42 -6.50 4.95
C PHE A 72 -9.05 -5.95 3.68
N LEU A 73 -8.88 -4.66 3.43
CA LEU A 73 -9.35 -4.09 2.16
C LEU A 73 -8.62 -4.70 1.00
N THR A 74 -7.30 -4.91 1.14
CA THR A 74 -6.56 -5.71 0.17
C THR A 74 -7.22 -7.07 -0.01
N MET A 75 -7.57 -7.73 1.09
CA MET A 75 -8.15 -9.06 0.96
C MET A 75 -9.53 -8.98 0.33
N MET A 76 -10.35 -8.01 0.74
CA MET A 76 -11.67 -7.82 0.14
C MET A 76 -11.56 -7.41 -1.33
N ALA A 77 -10.56 -6.59 -1.67
CA ALA A 77 -10.22 -6.35 -3.06
C ALA A 77 -9.74 -7.64 -3.72
N ARG A 78 -9.25 -8.57 -2.89
CA ARG A 78 -8.99 -9.98 -3.18
C ARG A 78 -7.48 -10.08 -3.41
N LYS A 79 -6.81 -8.93 -3.36
CA LYS A 79 -5.50 -8.73 -3.96
C LYS A 79 -4.36 -9.26 -3.10
N MET A 80 -3.18 -9.29 -3.73
CA MET A 80 -1.97 -9.59 -3.00
C MET A 80 -1.32 -8.28 -2.57
N LYS A 81 -0.47 -8.36 -1.54
CA LYS A 81 0.02 -7.14 -0.91
C LYS A 81 0.98 -6.34 -1.80
N ASP A 82 1.75 -7.01 -2.66
CA ASP A 82 2.70 -6.32 -3.56
C ASP A 82 1.93 -5.51 -4.58
N THR A 83 0.92 -6.13 -5.14
CA THR A 83 0.02 -5.42 -6.04
C THR A 83 -0.58 -4.20 -5.34
N ASP A 84 -1.08 -4.39 -4.12
CA ASP A 84 -1.67 -3.28 -3.39
C ASP A 84 -0.63 -2.20 -3.11
N SER A 85 0.58 -2.60 -2.72
CA SER A 85 1.63 -1.63 -2.44
C SER A 85 2.05 -0.86 -3.69
N GLU A 86 2.08 -1.54 -4.84
CA GLU A 86 2.39 -0.86 -6.10
C GLU A 86 1.37 0.22 -6.42
N GLU A 87 0.08 -0.07 -6.22
CA GLU A 87 -0.96 0.92 -6.45
C GLU A 87 -0.85 2.11 -5.50
N GLU A 88 -0.38 1.87 -4.28
CA GLU A 88 -0.22 2.96 -3.33
C GLU A 88 1.01 3.81 -3.65
N ILE A 89 2.10 3.17 -4.07
CA ILE A 89 3.29 3.92 -4.48
C ILE A 89 2.97 4.76 -5.72
N ARG A 90 2.16 4.22 -6.64
CA ARG A 90 1.77 4.99 -7.81
C ARG A 90 0.90 6.19 -7.44
N GLU A 91 0.07 6.07 -6.41
CA GLU A 91 -0.70 7.23 -5.96
C GLU A 91 0.21 8.30 -5.37
N ALA A 92 1.24 7.90 -4.62
CA ALA A 92 2.20 8.88 -4.11
C ALA A 92 2.97 9.53 -5.26
N PHE A 93 3.31 8.73 -6.28
CA PHE A 93 4.03 9.23 -7.44
C PHE A 93 3.23 10.30 -8.16
N ARG A 94 1.93 10.09 -8.32
CA ARG A 94 1.12 11.07 -9.05
C ARG A 94 0.96 12.37 -8.29
N VAL A 95 1.18 12.39 -6.96
CA VAL A 95 1.19 13.66 -6.24
C VAL A 95 2.34 14.54 -6.72
N PHE A 96 3.51 13.94 -6.95
CA PHE A 96 4.64 14.70 -7.42
C PHE A 96 4.59 14.98 -8.92
N ASP A 97 4.04 14.05 -9.71
CA ASP A 97 4.02 14.21 -11.18
C ASP A 97 2.86 15.12 -11.58
N LYS A 98 3.01 16.41 -11.25
CA LYS A 98 1.92 17.38 -11.40
C LYS A 98 1.42 17.45 -12.83
N ASP A 99 2.33 17.52 -13.82
CA ASP A 99 1.84 17.61 -15.20
C ASP A 99 1.43 16.26 -15.77
N GLY A 100 1.75 15.17 -15.08
CA GLY A 100 1.23 13.87 -15.43
C GLY A 100 1.92 13.17 -16.57
N ASN A 101 3.13 13.58 -16.92
CA ASN A 101 3.81 13.01 -18.07
C ASN A 101 4.62 11.76 -17.75
N GLY A 102 4.62 11.30 -16.50
CA GLY A 102 5.31 10.09 -16.13
C GLY A 102 6.68 10.30 -15.52
N TYR A 103 7.11 11.54 -15.35
CA TYR A 103 8.43 11.84 -14.82
C TYR A 103 8.30 12.97 -13.81
N ILE A 104 8.98 12.82 -12.68
CA ILE A 104 9.09 13.89 -11.69
C ILE A 104 10.30 14.73 -12.07
N SER A 105 10.07 15.95 -12.54
CA SER A 105 11.16 16.88 -12.80
C SER A 105 11.63 17.49 -11.48
N ALA A 106 12.78 18.18 -11.53
CA ALA A 106 13.27 18.89 -10.35
C ALA A 106 12.31 19.98 -9.91
N ALA A 107 11.69 20.66 -10.86
CA ALA A 107 10.76 21.73 -10.52
C ALA A 107 9.50 21.16 -9.88
N GLU A 108 8.99 20.05 -10.41
CA GLU A 108 7.85 19.40 -9.78
C GLU A 108 8.19 18.94 -8.37
N LEU A 109 9.38 18.36 -8.18
CA LEU A 109 9.77 17.92 -6.85
C LEU A 109 9.86 19.09 -5.89
N ARG A 110 10.49 20.18 -6.30
CA ARG A 110 10.62 21.36 -5.45
C ARG A 110 9.27 21.97 -5.13
N HIS A 111 8.40 22.07 -6.13
CA HIS A 111 7.08 22.66 -5.97
C HIS A 111 6.21 21.88 -4.98
N VAL A 112 6.05 20.57 -5.23
CA VAL A 112 5.20 19.77 -4.35
C VAL A 112 5.76 19.71 -2.95
N MET A 113 7.08 19.55 -2.81
CA MET A 113 7.64 19.43 -1.47
C MET A 113 7.44 20.72 -0.68
N THR A 114 7.62 21.87 -1.33
CA THR A 114 7.35 23.15 -0.67
C THR A 114 5.91 23.20 -0.17
N ASN A 115 4.95 22.86 -1.03
CA ASN A 115 3.55 22.95 -0.66
C ASN A 115 3.16 21.91 0.40
N LEU A 116 3.97 20.87 0.59
CA LEU A 116 3.75 19.91 1.67
C LEU A 116 4.56 20.24 2.92
N GLY A 117 5.16 21.42 3.00
CA GLY A 117 5.79 21.89 4.21
C GLY A 117 7.29 21.72 4.27
N GLU A 118 7.88 21.06 3.28
CA GLU A 118 9.33 20.85 3.23
C GLU A 118 9.90 21.72 2.12
N LYS A 119 10.60 22.79 2.49
CA LYS A 119 11.32 23.57 1.49
C LYS A 119 12.78 23.20 1.59
N LEU A 120 13.29 22.57 0.55
CA LEU A 120 14.71 22.27 0.38
C LEU A 120 15.30 23.32 -0.54
N THR A 121 16.63 23.43 -0.52
CA THR A 121 17.29 24.35 -1.43
C THR A 121 17.21 23.84 -2.86
N ASP A 122 17.69 24.68 -3.79
CA ASP A 122 17.71 24.28 -5.19
C ASP A 122 18.64 23.10 -5.44
N GLU A 123 19.78 23.04 -4.74
CA GLU A 123 20.76 22.01 -5.06
C GLU A 123 20.48 20.71 -4.30
N GLU A 124 19.82 20.79 -3.14
CA GLU A 124 19.22 19.60 -2.55
C GLU A 124 18.32 18.91 -3.57
N VAL A 125 17.40 19.68 -4.14
CA VAL A 125 16.44 19.14 -5.10
C VAL A 125 17.16 18.54 -6.30
N ASP A 126 18.11 19.28 -6.87
CA ASP A 126 18.83 18.79 -8.04
C ASP A 126 19.56 17.49 -7.74
N GLU A 127 20.03 17.32 -6.50
CA GLU A 127 20.74 16.09 -6.16
C GLU A 127 19.78 14.93 -5.91
N MET A 128 18.60 15.21 -5.33
CA MET A 128 17.59 14.18 -5.18
C MET A 128 17.18 13.59 -6.52
N ILE A 129 17.00 14.47 -7.51
CA ILE A 129 16.63 13.99 -8.87
C ILE A 129 17.80 13.20 -9.45
N ARG A 130 19.01 13.72 -9.29
CA ARG A 130 20.23 13.07 -9.82
C ARG A 130 20.33 11.66 -9.22
N GLU A 131 20.31 11.58 -7.91
CA GLU A 131 20.44 10.30 -7.18
C GLU A 131 19.47 9.25 -7.73
N ALA A 132 18.18 9.56 -7.81
CA ALA A 132 17.22 8.55 -8.23
C ALA A 132 17.10 8.44 -9.74
N ASP A 133 17.74 9.33 -10.50
CA ASP A 133 17.73 9.31 -11.97
C ASP A 133 18.68 8.21 -12.44
N ILE A 134 18.13 7.00 -12.66
CA ILE A 134 18.98 5.89 -13.07
C ILE A 134 19.39 6.04 -14.53
N ASP A 135 18.42 6.18 -15.43
CA ASP A 135 18.70 6.18 -16.87
C ASP A 135 19.28 7.51 -17.37
N GLY A 136 19.45 8.51 -16.50
CA GLY A 136 20.15 9.73 -16.87
C GLY A 136 19.41 10.70 -17.75
N ASP A 137 18.08 10.61 -17.85
CA ASP A 137 17.32 11.55 -18.66
C ASP A 137 17.01 12.85 -17.91
N GLY A 138 17.42 12.97 -16.63
CA GLY A 138 17.20 14.16 -15.86
C GLY A 138 15.93 14.20 -15.04
N GLN A 139 15.08 13.17 -15.13
CA GLN A 139 13.81 13.13 -14.45
C GLN A 139 13.62 11.77 -13.81
N VAL A 140 12.67 11.67 -12.88
CA VAL A 140 12.46 10.46 -12.10
C VAL A 140 11.17 9.80 -12.57
N ASN A 141 11.27 8.64 -13.20
CA ASN A 141 10.08 7.93 -13.60
C ASN A 141 9.61 7.02 -12.47
N TYR A 142 8.54 6.27 -12.75
CA TYR A 142 7.91 5.48 -11.71
C TYR A 142 8.86 4.43 -11.15
N GLU A 143 9.48 3.64 -12.02
CA GLU A 143 10.35 2.57 -11.52
C GLU A 143 11.51 3.15 -10.72
N GLU A 144 12.00 4.32 -11.12
CA GLU A 144 13.04 4.98 -10.32
C GLU A 144 12.49 5.47 -9.00
N PHE A 145 11.24 5.98 -8.98
CA PHE A 145 10.58 6.37 -7.74
C PHE A 145 10.44 5.17 -6.79
N VAL A 146 10.00 4.03 -7.32
CA VAL A 146 9.92 2.80 -6.50
C VAL A 146 11.28 2.47 -5.92
N GLN A 147 12.33 2.57 -6.73
CA GLN A 147 13.66 2.15 -6.30
C GLN A 147 14.20 3.06 -5.20
N MET A 148 14.01 4.33 -5.46
CA MET A 148 14.43 5.42 -4.56
C MET A 148 13.94 5.04 -3.16
N MET A 149 12.70 4.57 -3.11
CA MET A 149 11.99 4.27 -1.84
C MET A 149 12.27 2.85 -1.38
N THR A 150 12.60 2.00 -2.33
CA THR A 150 12.90 0.54 -2.20
C THR A 150 11.59 -0.24 -2.20
C02 J6P B . 12.95 12.00 -4.12
C03 J6P B . 13.52 11.83 -2.84
C04 J6P B . 12.67 11.78 -1.70
C06 J6P B . 11.76 11.63 0.39
C07 J6P B . 10.69 11.81 -0.55
C08 J6P B . 9.17 11.86 -0.10
C09 J6P B . 8.99 10.93 1.11
C10 J6P B . 10.03 11.36 2.39
C11 J6P B . 9.89 10.48 3.48
C12 J6P B . 8.97 9.35 3.15
C13 J6P B . 7.61 10.07 2.72
C16 J6P B . 8.78 8.30 4.19
C17 J6P B . 8.67 7.04 3.47
C18 J6P B . 8.79 7.42 1.89
C20 J6P B . 9.14 9.39 0.73
C21 J6P B . 11.55 11.49 1.94
C22 J6P B . 12.13 12.77 2.63
C23 J6P B . 12.37 10.26 2.43
C24 J6P B . 11.27 11.90 -1.87
C25 J6P B . 10.71 12.07 -3.17
C26 J6P B . 11.55 12.12 -4.29
N05 J6P B . 12.93 11.63 -0.31
N14 J6P B . 7.76 10.97 1.67
N19 J6P B . 9.40 8.62 1.87
O15 J6P B . 6.56 9.84 3.24
CL1 J6P B . 13.96 12.07 -5.58
CL2 J6P B . 10.90 12.33 -5.94
CA CA C . -0.82 -7.12 9.48
CA CA D . -9.29 -10.04 16.76
CA CA E . 6.09 15.49 -14.67
CA CA F . 15.15 8.91 -15.13
ZN ZN G . -3.09 -1.07 0.96
#